data_6SJA
#
_entry.id   6SJA
#
_cell.length_a   97.659
_cell.length_b   132.870
_cell.length_c   43.025
_cell.angle_alpha   90.000
_cell.angle_beta   90.000
_cell.angle_gamma   90.000
#
_symmetry.space_group_name_H-M   'P 21 21 2'
#
loop_
_entity.id
_entity.type
_entity.pdbx_description
1 polymer 'Maltose/maltodextrin-binding periplasmic protein,Interferon regulatory factor 3'
2 polymer 'Protein E6'
3 branched alpha-D-glucopyranose-(1-4)-alpha-D-glucopyranose-(1-4)-alpha-D-glucopyranose-(1-4)-alpha-D-glucopyranose-(1-4)-alpha-D-glucopyranose
4 non-polymer 'ZINC ION'
5 water water
#
loop_
_entity_poly.entity_id
_entity_poly.type
_entity_poly.pdbx_seq_one_letter_code
_entity_poly.pdbx_strand_id
1 'polypeptide(L)'
;MKIEEGKLVIWINGDKGYNGLAEVGKKFEKDTGIKVTVEHPDKLEEKFPQVAATGDGPDIIFWAHDRFGGYAQSGLLAEI
TPAAAFQDKLYPFTWDAVRYNGKLIAYPIAVEALSLIYNKDLLPNPPKTWEEIPALDKELKAKGKSALMFNLQEPYFTWP
LIAADGGYAFKYENGKYDIKDVGVDNAGAKAGLTFLVDLIKNKHMNADTDYSIAEAAFNKGETAMTINGPWAWSNIDTSA
VNYGVTVLPTFKGQPSKPFVGVLSAGINAASPNKELAKEFLENYLLTDEGLEAVNKDKPLGAVALKSYEEELAKDPRIAA
TMENAQKGEIMPNIPQMSAFWYAVRTAVINAASGRQTVDAALAAAQTNAAAEDILDELLGNMV
;
A
2 'polypeptide(L)'
;GAMFQDPQERPRKLPQLCTELQTTIHDIILECVYCKQQLLRREVYDFARRDLCIVYRDGNPYAVCDKCLKFYSKISEYRH
YSYSLYGTTLEQQYNKPLSDLLIRCINCQKPLSPEEKQRHLDKKQRFHNIRGRWTGRCMSCSRSSRTRRETQL
;
B
#
loop_
_chem_comp.id
_chem_comp.type
_chem_comp.name
_chem_comp.formula
GLC D-saccharide, alpha linking alpha-D-glucopyranose 'C6 H12 O6'
ZN non-polymer 'ZINC ION' 'Zn 2'
#
# COMPACT_ATOMS: atom_id res chain seq x y z
N MET A 1 -24.44 3.10 14.16
CA MET A 1 -25.64 2.34 13.80
C MET A 1 -25.41 1.68 12.44
N LYS A 2 -26.34 0.79 12.07
CA LYS A 2 -26.23 0.08 10.81
C LYS A 2 -26.32 1.05 9.64
N ILE A 3 -25.85 0.58 8.48
CA ILE A 3 -25.94 1.40 7.27
C ILE A 3 -27.40 1.65 6.96
N GLU A 4 -27.76 2.91 6.78
CA GLU A 4 -29.15 3.27 6.55
C GLU A 4 -29.58 2.94 5.12
N GLU A 5 -30.69 2.23 5.00
CA GLU A 5 -31.25 1.97 3.67
C GLU A 5 -31.91 3.23 3.12
N GLY A 6 -31.72 3.49 1.83
CA GLY A 6 -32.40 4.60 1.18
C GLY A 6 -31.68 5.91 1.26
N LYS A 7 -30.38 5.90 1.59
CA LYS A 7 -29.52 7.07 1.48
C LYS A 7 -28.13 6.57 1.14
N LEU A 8 -27.22 7.49 0.84
CA LEU A 8 -25.84 7.13 0.57
C LEU A 8 -24.93 7.91 1.49
N VAL A 9 -24.00 7.20 2.13
CA VAL A 9 -22.93 7.82 2.92
C VAL A 9 -21.63 7.54 2.19
N ILE A 10 -20.85 8.59 1.97
CA ILE A 10 -19.61 8.48 1.22
C ILE A 10 -18.47 8.95 2.11
N TRP A 11 -17.36 8.20 2.10
CA TRP A 11 -16.13 8.65 2.73
C TRP A 11 -15.10 9.00 1.66
N ILE A 12 -14.44 10.14 1.82
CA ILE A 12 -13.39 10.57 0.92
C ILE A 12 -12.36 11.33 1.74
N ASN A 13 -11.10 11.29 1.30
CA ASN A 13 -10.04 11.90 2.11
C ASN A 13 -10.12 13.42 2.13
N GLY A 14 -9.65 14.01 3.24
CA GLY A 14 -9.80 15.43 3.48
C GLY A 14 -8.98 16.34 2.57
N ASP A 15 -8.09 15.78 1.74
CA ASP A 15 -7.35 16.56 0.77
C ASP A 15 -8.01 16.59 -0.60
N LYS A 16 -9.16 15.92 -0.74
CA LYS A 16 -9.88 15.91 -2.00
C LYS A 16 -11.04 16.89 -1.97
N GLY A 17 -11.69 17.04 -3.14
CA GLY A 17 -12.77 18.00 -3.29
C GLY A 17 -14.09 17.51 -2.73
N TYR A 18 -14.17 17.36 -1.40
CA TYR A 18 -15.35 16.78 -0.79
C TYR A 18 -16.56 17.71 -0.83
N ASN A 19 -16.33 19.03 -0.89
CA ASN A 19 -17.46 19.94 -1.05
C ASN A 19 -18.04 19.83 -2.46
N GLY A 20 -17.16 19.70 -3.45
CA GLY A 20 -17.64 19.48 -4.81
C GLY A 20 -18.38 18.16 -4.95
N LEU A 21 -17.85 17.11 -4.33
CA LEU A 21 -18.56 15.84 -4.35
C LEU A 21 -19.94 15.96 -3.69
N ALA A 22 -20.01 16.74 -2.60
CA ALA A 22 -21.30 16.97 -1.96
C ALA A 22 -22.28 17.68 -2.89
N GLU A 23 -21.77 18.55 -3.77
CA GLU A 23 -22.64 19.17 -4.77
C GLU A 23 -23.20 18.14 -5.72
N VAL A 24 -22.40 17.16 -6.12
CA VAL A 24 -22.94 16.07 -6.93
C VAL A 24 -24.02 15.33 -6.16
N GLY A 25 -23.76 15.07 -4.87
CA GLY A 25 -24.76 14.45 -4.03
C GLY A 25 -26.05 15.25 -3.95
N LYS A 26 -25.94 16.58 -3.91
CA LYS A 26 -27.13 17.41 -3.86
C LYS A 26 -27.95 17.27 -5.14
N LYS A 27 -27.27 17.17 -6.29
CA LYS A 27 -27.97 16.96 -7.54
C LYS A 27 -28.67 15.62 -7.56
N PHE A 28 -27.98 14.58 -7.09
CA PHE A 28 -28.60 13.26 -6.98
C PHE A 28 -29.86 13.34 -6.14
N GLU A 29 -29.79 14.01 -5.00
CA GLU A 29 -30.95 14.13 -4.13
C GLU A 29 -32.06 14.92 -4.79
N LYS A 30 -31.70 16.01 -5.49
CA LYS A 30 -32.70 16.80 -6.21
C LYS A 30 -33.46 15.95 -7.23
N ASP A 31 -32.74 15.08 -7.97
CA ASP A 31 -33.35 14.31 -9.04
C ASP A 31 -34.11 13.09 -8.52
N THR A 32 -33.56 12.43 -7.49
CA THR A 32 -34.06 11.11 -7.08
C THR A 32 -34.73 11.10 -5.73
N GLY A 33 -34.48 12.10 -4.89
CA GLY A 33 -34.95 12.08 -3.53
C GLY A 33 -34.02 11.42 -2.53
N ILE A 34 -32.91 10.82 -2.99
CA ILE A 34 -31.99 10.08 -2.13
C ILE A 34 -30.94 11.05 -1.59
N LYS A 35 -30.90 11.20 -0.26
CA LYS A 35 -29.89 12.04 0.37
C LYS A 35 -28.51 11.40 0.28
N VAL A 36 -27.50 12.23 0.02
CA VAL A 36 -26.10 11.80 -0.05
C VAL A 36 -25.33 12.60 0.99
N THR A 37 -24.65 11.92 1.90
CA THR A 37 -23.84 12.58 2.92
C THR A 37 -22.38 12.24 2.66
N VAL A 38 -21.55 13.27 2.50
CA VAL A 38 -20.13 13.09 2.27
C VAL A 38 -19.39 13.42 3.55
N GLU A 39 -18.51 12.51 3.98
CA GLU A 39 -17.71 12.69 5.18
C GLU A 39 -16.25 12.49 4.83
N HIS A 40 -15.38 13.11 5.61
CA HIS A 40 -13.93 12.97 5.43
C HIS A 40 -13.28 12.65 6.77
N PRO A 41 -13.57 11.47 7.34
CA PRO A 41 -12.99 11.13 8.63
C PRO A 41 -11.48 10.97 8.54
N ASP A 42 -10.82 11.17 9.67
CA ASP A 42 -9.40 10.88 9.77
C ASP A 42 -9.16 9.38 9.59
N LYS A 43 -8.06 9.05 8.94
CA LYS A 43 -7.64 7.65 8.76
C LYS A 43 -8.75 6.76 8.22
N LEU A 44 -9.53 7.30 7.27
CA LEU A 44 -10.68 6.56 6.76
C LEU A 44 -10.27 5.23 6.16
N GLU A 45 -9.06 5.15 5.61
CA GLU A 45 -8.62 3.93 4.93
C GLU A 45 -8.26 2.85 5.93
N GLU A 46 -7.99 3.22 7.18
CA GLU A 46 -7.82 2.26 8.27
C GLU A 46 -9.14 1.98 8.98
N LYS A 47 -10.02 2.98 9.06
CA LYS A 47 -11.33 2.76 9.69
C LYS A 47 -12.18 1.82 8.85
N PHE A 48 -12.13 1.96 7.52
CA PHE A 48 -13.03 1.21 6.68
C PHE A 48 -12.97 -0.30 6.90
N PRO A 49 -11.81 -0.95 6.85
CA PRO A 49 -11.81 -2.40 7.04
C PRO A 49 -12.26 -2.82 8.43
N GLN A 50 -12.16 -1.93 9.41
CA GLN A 50 -12.62 -2.26 10.76
C GLN A 50 -14.15 -2.23 10.82
N VAL A 51 -14.76 -1.13 10.38
CA VAL A 51 -16.20 -1.01 10.51
C VAL A 51 -16.92 -1.89 9.49
N ALA A 52 -16.36 -2.00 8.27
CA ALA A 52 -17.02 -2.79 7.24
C ALA A 52 -17.01 -4.28 7.59
N ALA A 53 -16.00 -4.74 8.33
CA ALA A 53 -15.96 -6.13 8.75
C ALA A 53 -17.13 -6.51 9.65
N THR A 54 -17.71 -5.53 10.35
CA THR A 54 -18.88 -5.74 11.19
C THR A 54 -20.17 -5.40 10.47
N GLY A 55 -20.10 -5.11 9.17
CA GLY A 55 -21.27 -4.78 8.39
C GLY A 55 -21.71 -3.33 8.44
N ASP A 56 -20.87 -2.42 8.97
CA ASP A 56 -21.18 -1.00 9.08
C ASP A 56 -20.28 -0.19 8.13
N GLY A 57 -20.31 1.13 8.24
CA GLY A 57 -19.43 1.98 7.45
C GLY A 57 -20.17 2.79 6.39
N PRO A 58 -19.43 3.41 5.46
CA PRO A 58 -20.08 4.16 4.38
C PRO A 58 -20.58 3.19 3.33
N ASP A 59 -21.54 3.67 2.52
CA ASP A 59 -21.91 2.90 1.33
C ASP A 59 -20.79 2.91 0.30
N ILE A 60 -20.06 4.01 0.19
CA ILE A 60 -19.05 4.19 -0.84
C ILE A 60 -17.79 4.71 -0.17
N ILE A 61 -16.64 4.09 -0.48
CA ILE A 61 -15.34 4.55 0.04
C ILE A 61 -14.46 4.97 -1.13
N PHE A 62 -13.89 6.19 -1.04
CA PHE A 62 -12.92 6.68 -2.02
C PHE A 62 -11.52 6.61 -1.43
N TRP A 63 -10.58 6.07 -2.21
CA TRP A 63 -9.17 6.10 -1.86
C TRP A 63 -8.44 5.79 -3.15
N ALA A 64 -7.12 6.00 -3.18
CA ALA A 64 -6.37 5.45 -4.31
C ALA A 64 -6.52 3.93 -4.33
N HIS A 65 -6.37 3.37 -5.53
CA HIS A 65 -6.65 1.95 -5.77
C HIS A 65 -5.73 1.02 -5.01
N ASP A 66 -4.62 1.51 -4.47
CA ASP A 66 -3.67 0.60 -3.83
C ASP A 66 -4.22 -0.06 -2.57
N ARG A 67 -5.23 0.54 -1.94
CA ARG A 67 -5.82 -0.04 -0.73
C ARG A 67 -6.85 -1.12 -1.03
N PHE A 68 -7.32 -1.21 -2.29
CA PHE A 68 -8.58 -1.91 -2.52
C PHE A 68 -8.44 -3.43 -2.61
N GLY A 69 -7.28 -3.94 -3.03
CA GLY A 69 -7.10 -5.39 -3.04
C GLY A 69 -7.19 -5.99 -1.65
N GLY A 70 -6.65 -5.31 -0.65
CA GLY A 70 -6.78 -5.80 0.72
C GLY A 70 -8.22 -5.82 1.17
N TYR A 71 -8.99 -4.77 0.81
CA TYR A 71 -10.40 -4.76 1.16
C TYR A 71 -11.13 -5.90 0.47
N ALA A 72 -10.83 -6.12 -0.81
CA ALA A 72 -11.53 -7.16 -1.57
C ALA A 72 -11.18 -8.54 -1.01
N GLN A 73 -9.91 -8.75 -0.64
CA GLN A 73 -9.50 -10.04 -0.09
C GLN A 73 -10.28 -10.35 1.17
N SER A 74 -10.59 -9.31 1.95
CA SER A 74 -11.36 -9.49 3.17
C SER A 74 -12.87 -9.54 2.92
N GLY A 75 -13.31 -9.47 1.65
CA GLY A 75 -14.72 -9.58 1.35
C GLY A 75 -15.50 -8.33 1.68
N LEU A 76 -14.85 -7.18 1.71
CA LEU A 76 -15.51 -5.95 2.14
C LEU A 76 -16.06 -5.12 1.00
N LEU A 77 -15.83 -5.52 -0.25
CA LEU A 77 -16.25 -4.74 -1.40
C LEU A 77 -17.23 -5.53 -2.26
N ALA A 78 -18.25 -4.85 -2.75
CA ALA A 78 -19.15 -5.45 -3.72
C ALA A 78 -18.47 -5.52 -5.07
N GLU A 79 -18.72 -6.58 -5.84
CA GLU A 79 -18.21 -6.57 -7.21
C GLU A 79 -19.01 -5.56 -8.02
N ILE A 80 -18.33 -4.79 -8.85
CA ILE A 80 -19.04 -3.80 -9.65
C ILE A 80 -19.26 -4.33 -11.06
N THR A 81 -20.40 -4.00 -11.63
CA THR A 81 -20.89 -4.61 -12.87
C THR A 81 -21.30 -3.56 -13.89
N PRO A 82 -20.39 -2.68 -14.29
CA PRO A 82 -20.73 -1.74 -15.36
C PRO A 82 -20.93 -2.46 -16.69
N ALA A 83 -21.93 -2.01 -17.43
CA ALA A 83 -22.13 -2.54 -18.77
C ALA A 83 -20.93 -2.16 -19.66
N ALA A 84 -20.81 -2.89 -20.77
CA ALA A 84 -19.68 -2.64 -21.68
C ALA A 84 -19.70 -1.20 -22.19
N ALA A 85 -20.89 -0.67 -22.47
CA ALA A 85 -21.00 0.72 -22.93
C ALA A 85 -20.41 1.69 -21.91
N PHE A 86 -20.65 1.44 -20.61
CA PHE A 86 -20.08 2.32 -19.61
C PHE A 86 -18.57 2.12 -19.49
N GLN A 87 -18.11 0.87 -19.51
CA GLN A 87 -16.67 0.63 -19.39
C GLN A 87 -15.90 1.35 -20.49
N ASP A 88 -16.49 1.42 -21.69
CA ASP A 88 -15.83 2.09 -22.80
C ASP A 88 -15.67 3.58 -22.59
N LYS A 89 -16.40 4.18 -21.64
CA LYS A 89 -16.30 5.61 -21.40
C LYS A 89 -15.05 5.99 -20.62
N LEU A 90 -14.40 5.03 -19.97
CA LEU A 90 -13.24 5.31 -19.13
C LEU A 90 -12.00 4.66 -19.75
N TYR A 91 -10.83 5.22 -19.45
CA TYR A 91 -9.59 4.71 -20.05
C TYR A 91 -9.33 3.29 -19.57
N PRO A 92 -8.97 2.37 -20.47
CA PRO A 92 -8.65 0.99 -20.05
C PRO A 92 -7.63 0.88 -18.92
N PHE A 93 -6.59 1.71 -18.91
CA PHE A 93 -5.62 1.55 -17.84
C PHE A 93 -6.19 1.86 -16.46
N THR A 94 -7.24 2.69 -16.39
CA THR A 94 -7.85 2.94 -15.09
C THR A 94 -8.68 1.77 -14.61
N TRP A 95 -9.33 1.04 -15.54
CA TRP A 95 -10.04 -0.17 -15.11
C TRP A 95 -9.07 -1.22 -14.59
N ASP A 96 -7.87 -1.31 -15.18
CA ASP A 96 -6.92 -2.29 -14.70
C ASP A 96 -6.47 -2.00 -13.28
N ALA A 97 -6.38 -0.72 -12.91
CA ALA A 97 -5.98 -0.38 -11.55
C ALA A 97 -6.97 -0.93 -10.53
N VAL A 98 -8.23 -1.09 -10.91
CA VAL A 98 -9.29 -1.53 -10.00
C VAL A 98 -9.72 -2.96 -10.29
N ARG A 99 -8.89 -3.70 -11.01
CA ARG A 99 -9.19 -5.09 -11.32
C ARG A 99 -8.33 -5.97 -10.41
N TYR A 100 -8.98 -6.84 -9.65
CA TYR A 100 -8.31 -7.65 -8.64
C TYR A 100 -8.84 -9.07 -8.73
N ASN A 101 -7.94 -10.04 -8.88
CA ASN A 101 -8.35 -11.42 -9.14
C ASN A 101 -9.36 -11.49 -10.28
N GLY A 102 -9.13 -10.68 -11.32
CA GLY A 102 -9.93 -10.72 -12.52
C GLY A 102 -11.27 -10.01 -12.45
N LYS A 103 -11.63 -9.44 -11.31
CA LYS A 103 -12.91 -8.77 -11.15
C LYS A 103 -12.71 -7.29 -10.86
N LEU A 104 -13.65 -6.48 -11.31
CA LEU A 104 -13.64 -5.06 -10.98
C LEU A 104 -14.18 -4.87 -9.57
N ILE A 105 -13.40 -4.17 -8.74
CA ILE A 105 -13.73 -3.99 -7.33
C ILE A 105 -13.97 -2.54 -6.95
N ALA A 106 -13.96 -1.63 -7.92
CA ALA A 106 -14.22 -0.22 -7.65
C ALA A 106 -14.38 0.49 -8.99
N TYR A 107 -14.93 1.69 -8.94
CA TYR A 107 -14.97 2.56 -10.11
C TYR A 107 -13.77 3.50 -10.10
N PRO A 108 -12.98 3.55 -11.17
CA PRO A 108 -11.89 4.52 -11.24
C PRO A 108 -12.42 5.93 -11.51
N ILE A 109 -11.81 6.91 -10.83
CA ILE A 109 -12.24 8.32 -10.91
C ILE A 109 -11.18 9.18 -11.60
N ALA A 110 -9.95 9.17 -11.08
CA ALA A 110 -8.94 10.08 -11.60
C ALA A 110 -7.55 9.53 -11.36
N VAL A 111 -6.62 9.91 -12.24
CA VAL A 111 -5.24 9.45 -12.21
C VAL A 111 -4.38 10.54 -11.59
N GLU A 112 -3.69 10.18 -10.52
CA GLU A 112 -2.85 11.12 -9.75
C GLU A 112 -1.38 10.75 -9.90
N ALA A 113 -0.54 11.76 -10.14
CA ALA A 113 0.90 11.59 -10.01
C ALA A 113 1.47 12.87 -9.45
N LEU A 114 2.55 12.73 -8.69
CA LEU A 114 3.27 13.88 -8.16
C LEU A 114 4.04 14.57 -9.29
N SER A 115 4.17 15.88 -9.17
CA SER A 115 4.99 16.66 -10.09
C SER A 115 5.87 17.60 -9.27
N LEU A 116 6.84 18.21 -9.94
CA LEU A 116 7.61 19.29 -9.36
C LEU A 116 6.81 20.57 -9.56
N ILE A 117 6.51 21.28 -8.49
CA ILE A 117 5.81 22.55 -8.56
C ILE A 117 6.82 23.63 -8.19
N TYR A 118 6.92 24.67 -9.00
CA TYR A 118 7.97 25.65 -8.77
C TYR A 118 7.40 27.06 -8.89
N ASN A 119 7.99 27.98 -8.14
CA ASN A 119 7.60 29.38 -8.16
C ASN A 119 8.37 30.05 -9.30
N LYS A 120 7.64 30.48 -10.33
CA LYS A 120 8.29 31.02 -11.54
C LYS A 120 8.97 32.35 -11.27
N ASP A 121 8.51 33.10 -10.27
CA ASP A 121 9.15 34.38 -9.98
C ASP A 121 10.50 34.17 -9.30
N LEU A 122 10.56 33.22 -8.37
CA LEU A 122 11.82 32.92 -7.70
C LEU A 122 12.75 32.11 -8.58
N LEU A 123 12.19 31.26 -9.44
CA LEU A 123 12.96 30.24 -10.14
C LEU A 123 12.36 30.04 -11.52
N PRO A 124 12.70 30.92 -12.47
CA PRO A 124 12.11 30.80 -13.81
C PRO A 124 12.47 29.52 -14.52
N ASN A 125 13.65 28.95 -14.25
CA ASN A 125 14.12 27.75 -14.95
C ASN A 125 14.41 26.69 -13.89
N PRO A 126 13.43 25.84 -13.58
CA PRO A 126 13.60 24.86 -12.52
C PRO A 126 14.64 23.82 -12.89
N PRO A 127 15.23 23.18 -11.89
CA PRO A 127 16.32 22.23 -12.14
C PRO A 127 15.82 20.96 -12.79
N LYS A 128 16.63 20.46 -13.73
CA LYS A 128 16.31 19.18 -14.37
C LYS A 128 16.79 17.99 -13.55
N THR A 129 17.71 18.19 -12.60
CA THR A 129 18.32 17.10 -11.85
C THR A 129 18.21 17.35 -10.35
N TRP A 130 18.10 16.25 -9.60
CA TRP A 130 18.21 16.32 -8.15
C TRP A 130 19.58 16.83 -7.72
N GLU A 131 20.62 16.42 -8.46
CA GLU A 131 21.99 16.76 -8.11
C GLU A 131 22.24 18.26 -8.08
N GLU A 132 21.47 19.04 -8.83
CA GLU A 132 21.59 20.51 -8.81
C GLU A 132 21.00 21.16 -7.57
N ILE A 133 20.13 20.47 -6.84
CA ILE A 133 19.38 21.10 -5.76
C ILE A 133 20.29 21.69 -4.68
N PRO A 134 21.31 21.00 -4.18
CA PRO A 134 22.14 21.60 -3.12
C PRO A 134 22.71 22.96 -3.48
N ALA A 135 23.27 23.10 -4.68
CA ALA A 135 23.84 24.38 -5.09
C ALA A 135 22.75 25.44 -5.26
N LEU A 136 21.61 25.05 -5.81
CA LEU A 136 20.49 25.98 -5.95
C LEU A 136 20.00 26.45 -4.60
N ASP A 137 19.95 25.55 -3.60
CA ASP A 137 19.53 25.96 -2.27
C ASP A 137 20.49 26.96 -1.66
N LYS A 138 21.80 26.75 -1.85
CA LYS A 138 22.75 27.72 -1.29
C LYS A 138 22.51 29.10 -1.89
N GLU A 139 22.23 29.13 -3.19
CA GLU A 139 21.95 30.39 -3.88
C GLU A 139 20.69 31.05 -3.34
N LEU A 140 19.62 30.26 -3.12
CA LEU A 140 18.38 30.86 -2.65
C LEU A 140 18.44 31.25 -1.18
N LYS A 141 19.19 30.51 -0.35
CA LYS A 141 19.36 30.94 1.03
C LYS A 141 20.00 32.31 1.10
N ALA A 142 20.85 32.65 0.14
CA ALA A 142 21.46 33.98 0.13
C ALA A 142 20.43 35.08 -0.15
N LYS A 143 19.28 34.73 -0.71
CA LYS A 143 18.19 35.65 -0.96
C LYS A 143 17.12 35.57 0.11
N GLY A 144 17.40 34.87 1.20
CA GLY A 144 16.40 34.70 2.24
C GLY A 144 15.32 33.70 1.89
N LYS A 145 15.61 32.74 1.01
CA LYS A 145 14.63 31.74 0.60
C LYS A 145 15.24 30.34 0.71
N SER A 146 14.59 29.34 0.14
CA SER A 146 15.18 28.00 0.08
C SER A 146 14.73 27.34 -1.22
N ALA A 147 15.42 26.26 -1.62
CA ALA A 147 15.11 25.64 -2.91
C ALA A 147 13.85 24.78 -2.87
N LEU A 148 13.75 23.87 -1.90
CA LEU A 148 12.76 22.79 -2.00
C LEU A 148 12.23 22.40 -0.63
N MET A 149 10.91 22.32 -0.51
CA MET A 149 10.31 21.73 0.69
C MET A 149 9.14 20.86 0.27
N PHE A 150 9.11 19.64 0.78
CA PHE A 150 8.01 18.74 0.50
C PHE A 150 7.86 17.76 1.66
N ASN A 151 6.70 17.11 1.71
CA ASN A 151 6.35 16.26 2.84
C ASN A 151 7.32 15.08 2.93
N LEU A 152 8.05 14.99 4.03
CA LEU A 152 8.97 13.88 4.29
C LEU A 152 8.38 12.87 5.26
N GLN A 153 7.12 13.04 5.65
CA GLN A 153 6.51 12.13 6.63
C GLN A 153 5.75 10.99 5.97
N GLU A 154 5.39 11.13 4.70
CA GLU A 154 4.64 10.12 3.97
C GLU A 154 5.49 9.58 2.83
N PRO A 155 5.69 8.27 2.76
CA PRO A 155 6.64 7.71 1.77
C PRO A 155 6.19 7.90 0.33
N TYR A 156 4.89 8.16 0.10
CA TYR A 156 4.44 8.53 -1.23
C TYR A 156 5.30 9.62 -1.86
N PHE A 157 5.74 10.60 -1.06
CA PHE A 157 6.42 11.77 -1.61
C PHE A 157 7.90 11.54 -1.84
N THR A 158 8.51 10.60 -1.10
CA THR A 158 9.93 10.31 -1.26
C THR A 158 10.18 9.11 -2.16
N TRP A 159 9.17 8.27 -2.36
CA TRP A 159 9.30 7.13 -3.27
C TRP A 159 9.79 7.49 -4.67
N PRO A 160 9.37 8.60 -5.31
CA PRO A 160 9.87 8.86 -6.67
C PRO A 160 11.39 8.87 -6.76
N LEU A 161 12.05 9.44 -5.74
CA LEU A 161 13.51 9.49 -5.70
C LEU A 161 14.10 8.12 -5.36
N ILE A 162 13.50 7.40 -4.42
CA ILE A 162 13.96 6.05 -4.06
C ILE A 162 13.88 5.10 -5.25
N ALA A 163 12.82 5.23 -6.05
CA ALA A 163 12.64 4.33 -7.19
C ALA A 163 13.53 4.68 -8.37
N ALA A 164 14.02 5.93 -8.44
CA ALA A 164 14.64 6.44 -9.67
C ALA A 164 15.78 5.55 -10.13
N ASP A 165 16.71 5.21 -9.24
CA ASP A 165 17.89 4.44 -9.59
C ASP A 165 17.70 2.93 -9.40
N GLY A 166 16.49 2.47 -9.08
CA GLY A 166 16.27 1.04 -9.04
C GLY A 166 15.37 0.49 -7.96
N GLY A 167 14.96 1.31 -6.98
CA GLY A 167 14.02 0.82 -5.99
C GLY A 167 12.70 0.40 -6.62
N TYR A 168 12.08 -0.63 -6.06
CA TYR A 168 10.74 -1.01 -6.48
C TYR A 168 10.03 -1.70 -5.31
N ALA A 169 8.70 -1.78 -5.41
CA ALA A 169 7.91 -2.47 -4.40
C ALA A 169 7.94 -3.96 -4.68
N PHE A 170 7.17 -4.42 -5.67
CA PHE A 170 7.13 -5.82 -6.05
C PHE A 170 7.43 -5.93 -7.53
N LYS A 171 8.31 -6.87 -7.89
CA LYS A 171 8.62 -7.07 -9.30
C LYS A 171 7.37 -7.45 -10.07
N TYR A 172 7.20 -6.87 -11.26
CA TYR A 172 6.04 -7.11 -12.11
C TYR A 172 6.48 -7.84 -13.38
N GLU A 173 5.95 -9.05 -13.58
CA GLU A 173 6.23 -9.83 -14.80
C GLU A 173 5.03 -10.69 -15.11
N ASN A 174 4.82 -10.94 -16.41
CA ASN A 174 3.70 -11.78 -16.87
C ASN A 174 2.36 -11.22 -16.36
N GLY A 175 2.23 -9.90 -16.35
CA GLY A 175 1.01 -9.26 -15.89
C GLY A 175 0.68 -9.49 -14.44
N LYS A 176 1.68 -9.80 -13.62
CA LYS A 176 1.49 -10.26 -12.25
C LYS A 176 2.61 -9.72 -11.37
N TYR A 177 2.29 -9.47 -10.10
CA TYR A 177 3.29 -9.05 -9.13
C TYR A 177 3.84 -10.23 -8.37
N ASP A 178 5.16 -10.33 -8.32
CA ASP A 178 5.83 -11.37 -7.55
C ASP A 178 6.08 -10.82 -6.16
N ILE A 179 5.29 -11.28 -5.19
CA ILE A 179 5.44 -10.80 -3.82
C ILE A 179 6.72 -11.27 -3.18
N LYS A 180 7.38 -12.26 -3.77
CA LYS A 180 8.65 -12.73 -3.24
C LYS A 180 9.84 -11.92 -3.73
N ASP A 181 9.62 -10.94 -4.61
CA ASP A 181 10.71 -10.14 -5.16
C ASP A 181 10.40 -8.68 -4.82
N VAL A 182 10.96 -8.22 -3.69
CA VAL A 182 10.72 -6.87 -3.16
C VAL A 182 11.99 -6.05 -3.37
N GLY A 183 11.82 -4.79 -3.76
CA GLY A 183 12.95 -3.97 -4.15
C GLY A 183 13.23 -2.78 -3.26
N VAL A 184 13.03 -2.97 -1.95
CA VAL A 184 13.15 -1.88 -0.98
C VAL A 184 14.59 -1.68 -0.50
N ASP A 185 15.40 -2.74 -0.45
CA ASP A 185 16.75 -2.62 0.09
C ASP A 185 17.83 -2.85 -0.95
N ASN A 186 17.51 -2.66 -2.23
CA ASN A 186 18.52 -2.85 -3.26
C ASN A 186 19.37 -1.60 -3.41
N ALA A 187 20.40 -1.68 -4.25
CA ALA A 187 21.37 -0.59 -4.36
C ALA A 187 20.72 0.69 -4.86
N GLY A 188 19.72 0.59 -5.74
CA GLY A 188 19.08 1.78 -6.26
C GLY A 188 18.25 2.50 -5.20
N ALA A 189 17.50 1.73 -4.39
CA ALA A 189 16.76 2.34 -3.29
C ALA A 189 17.71 3.02 -2.31
N LYS A 190 18.81 2.35 -1.95
CA LYS A 190 19.77 2.94 -1.04
C LYS A 190 20.35 4.23 -1.60
N ALA A 191 20.65 4.25 -2.91
CA ALA A 191 21.24 5.43 -3.52
C ALA A 191 20.29 6.63 -3.40
N GLY A 192 19.01 6.43 -3.73
CA GLY A 192 18.05 7.52 -3.66
C GLY A 192 17.83 8.01 -2.24
N LEU A 193 17.65 7.07 -1.30
CA LEU A 193 17.40 7.48 0.08
C LEU A 193 18.64 8.14 0.68
N THR A 194 19.83 7.66 0.32
CA THR A 194 21.06 8.32 0.73
C THR A 194 21.11 9.76 0.22
N PHE A 195 20.67 9.99 -1.02
CA PHE A 195 20.66 11.37 -1.52
C PHE A 195 19.73 12.24 -0.69
N LEU A 196 18.55 11.71 -0.33
CA LEU A 196 17.61 12.46 0.49
C LEU A 196 18.22 12.78 1.85
N VAL A 197 18.81 11.77 2.49
CA VAL A 197 19.41 11.98 3.80
C VAL A 197 20.55 13.00 3.72
N ASP A 198 21.31 12.96 2.62
CA ASP A 198 22.40 13.93 2.46
C ASP A 198 21.85 15.34 2.31
N LEU A 199 20.72 15.50 1.63
CA LEU A 199 20.09 16.82 1.58
C LEU A 199 19.80 17.33 2.98
N ILE A 200 19.34 16.45 3.87
CA ILE A 200 19.02 16.86 5.24
C ILE A 200 20.29 17.16 6.03
N LYS A 201 21.28 16.28 5.94
CA LYS A 201 22.54 16.50 6.64
C LYS A 201 23.15 17.84 6.24
N ASN A 202 23.02 18.20 4.97
CA ASN A 202 23.64 19.41 4.43
C ASN A 202 22.73 20.62 4.50
N LYS A 203 21.64 20.53 5.27
CA LYS A 203 20.76 21.66 5.59
C LYS A 203 20.02 22.20 4.38
N HIS A 204 19.72 21.32 3.41
CA HIS A 204 18.88 21.68 2.29
C HIS A 204 17.44 21.25 2.49
N MET A 205 17.18 20.33 3.42
CA MET A 205 15.83 20.00 3.84
C MET A 205 15.88 19.67 5.33
N ASN A 206 14.69 19.64 5.95
CA ASN A 206 14.53 19.30 7.35
C ASN A 206 13.73 18.03 7.47
N ALA A 207 14.20 17.09 8.30
CA ALA A 207 13.53 15.80 8.47
C ALA A 207 12.09 15.95 8.98
N ASP A 208 11.80 17.04 9.70
CA ASP A 208 10.47 17.22 10.29
C ASP A 208 9.44 17.80 9.33
N THR A 209 9.82 18.18 8.11
CA THR A 209 8.88 18.83 7.21
C THR A 209 7.76 17.88 6.86
N ASP A 210 6.52 18.34 7.03
CA ASP A 210 5.33 17.54 6.76
C ASP A 210 4.52 18.22 5.66
N TYR A 211 3.32 17.72 5.40
CA TYR A 211 2.50 18.29 4.33
C TYR A 211 2.18 19.76 4.61
N SER A 212 1.73 20.05 5.84
N SER A 212 1.73 20.05 5.84
CA SER A 212 1.29 21.42 6.15
CA SER A 212 1.30 21.41 6.16
C SER A 212 2.45 22.40 6.08
C SER A 212 2.45 22.40 6.09
N ILE A 213 3.62 22.01 6.59
CA ILE A 213 4.77 22.91 6.61
C ILE A 213 5.21 23.22 5.20
N ALA A 214 5.28 22.20 4.33
CA ALA A 214 5.74 22.42 2.97
C ALA A 214 4.72 23.25 2.20
N GLU A 215 3.43 22.99 2.41
CA GLU A 215 2.40 23.74 1.71
C GLU A 215 2.43 25.21 2.12
N ALA A 216 2.54 25.46 3.42
CA ALA A 216 2.56 26.84 3.88
C ALA A 216 3.78 27.58 3.33
N ALA A 217 4.95 26.95 3.39
CA ALA A 217 6.16 27.60 2.91
C ALA A 217 6.08 27.89 1.42
N PHE A 218 5.61 26.93 0.62
CA PHE A 218 5.52 27.23 -0.81
C PHE A 218 4.50 28.31 -1.08
N ASN A 219 3.33 28.22 -0.45
CA ASN A 219 2.25 29.13 -0.77
C ASN A 219 2.50 30.53 -0.24
N LYS A 220 3.41 30.67 0.72
CA LYS A 220 3.82 31.98 1.21
C LYS A 220 5.00 32.55 0.42
N GLY A 221 5.53 31.81 -0.55
CA GLY A 221 6.65 32.27 -1.34
C GLY A 221 7.99 32.17 -0.65
N GLU A 222 8.11 31.28 0.34
CA GLU A 222 9.36 31.13 1.09
C GLU A 222 10.31 30.11 0.49
N THR A 223 9.78 29.12 -0.25
CA THR A 223 10.58 28.10 -0.90
C THR A 223 10.25 28.06 -2.38
N ALA A 224 11.26 27.78 -3.20
CA ALA A 224 11.10 27.90 -4.65
C ALA A 224 10.39 26.71 -5.27
N MET A 225 10.35 25.57 -4.58
CA MET A 225 9.81 24.36 -5.18
C MET A 225 9.13 23.53 -4.11
N THR A 226 8.16 22.74 -4.54
CA THR A 226 7.57 21.72 -3.72
C THR A 226 7.28 20.52 -4.62
N ILE A 227 6.89 19.41 -4.01
CA ILE A 227 6.48 18.21 -4.73
C ILE A 227 5.09 17.87 -4.21
N ASN A 228 4.11 17.85 -5.11
CA ASN A 228 2.74 17.62 -4.67
C ASN A 228 1.89 17.21 -5.86
N GLY A 229 0.64 16.86 -5.56
CA GLY A 229 -0.27 16.36 -6.56
C GLY A 229 -1.32 17.40 -6.93
N PRO A 230 -2.22 17.04 -7.85
CA PRO A 230 -3.16 18.04 -8.38
C PRO A 230 -4.08 18.62 -7.33
N TRP A 231 -4.40 17.85 -6.29
CA TRP A 231 -5.31 18.35 -5.27
C TRP A 231 -4.76 19.59 -4.57
N ALA A 232 -3.46 19.83 -4.69
CA ALA A 232 -2.82 20.95 -4.01
C ALA A 232 -2.91 22.24 -4.80
N TRP A 233 -3.30 22.18 -6.07
CA TRP A 233 -3.14 23.35 -6.93
C TRP A 233 -4.08 24.49 -6.55
N SER A 234 -5.28 24.18 -6.06
CA SER A 234 -6.22 25.28 -5.84
C SER A 234 -5.81 26.15 -4.66
N ASN A 235 -5.15 25.57 -3.64
CA ASN A 235 -4.62 26.42 -2.58
C ASN A 235 -3.47 27.29 -3.07
N ILE A 236 -2.65 26.80 -4.01
CA ILE A 236 -1.62 27.65 -4.59
C ILE A 236 -2.26 28.80 -5.36
N ASP A 237 -3.33 28.52 -6.12
CA ASP A 237 -4.03 29.58 -6.86
C ASP A 237 -4.47 30.69 -5.92
N THR A 238 -5.13 30.34 -4.82
CA THR A 238 -5.65 31.38 -3.94
C THR A 238 -4.54 32.12 -3.20
N SER A 239 -3.33 31.55 -3.16
CA SER A 239 -2.16 32.19 -2.54
CA SER A 239 -2.23 32.24 -2.52
C SER A 239 -1.52 33.24 -3.43
N ALA A 240 -1.89 33.28 -4.71
CA ALA A 240 -1.35 34.23 -5.69
C ALA A 240 0.12 34.01 -6.00
N VAL A 241 0.63 32.81 -5.80
CA VAL A 241 1.97 32.46 -6.26
C VAL A 241 1.89 32.13 -7.75
N ASN A 242 2.85 32.63 -8.51
CA ASN A 242 2.95 32.35 -9.94
C ASN A 242 3.73 31.04 -10.08
N TYR A 243 3.02 29.93 -10.26
CA TYR A 243 3.67 28.63 -10.21
C TYR A 243 3.56 27.90 -11.54
N GLY A 244 4.51 26.99 -11.73
CA GLY A 244 4.47 26.04 -12.83
C GLY A 244 4.47 24.62 -12.30
N VAL A 245 4.03 23.67 -13.11
CA VAL A 245 4.01 22.24 -12.77
C VAL A 245 4.81 21.55 -13.85
N THR A 246 5.84 20.78 -13.45
CA THR A 246 6.79 20.29 -14.44
C THR A 246 7.28 18.88 -14.08
N VAL A 247 8.09 18.32 -14.99
CA VAL A 247 8.66 16.99 -14.76
C VAL A 247 9.55 17.01 -13.51
N LEU A 248 9.46 15.93 -12.73
CA LEU A 248 10.30 15.78 -11.56
C LEU A 248 11.76 15.73 -11.98
N PRO A 249 12.68 16.11 -11.10
CA PRO A 249 14.10 16.08 -11.45
C PRO A 249 14.55 14.64 -11.65
N THR A 250 15.58 14.45 -12.49
CA THR A 250 16.20 13.15 -12.63
C THR A 250 17.21 12.91 -11.50
N PHE A 251 17.50 11.64 -11.24
CA PHE A 251 18.51 11.24 -10.27
C PHE A 251 19.44 10.26 -10.96
N LYS A 252 20.73 10.57 -10.96
CA LYS A 252 21.71 9.78 -11.72
C LYS A 252 21.28 9.63 -13.17
N GLY A 253 20.67 10.68 -13.71
CA GLY A 253 20.23 10.71 -15.10
C GLY A 253 18.97 9.92 -15.39
N GLN A 254 18.35 9.31 -14.36
CA GLN A 254 17.16 8.50 -14.46
C GLN A 254 15.94 9.30 -14.02
N PRO A 255 14.78 9.14 -14.65
CA PRO A 255 13.60 9.87 -14.20
C PRO A 255 13.20 9.49 -12.77
N SER A 256 12.73 10.48 -12.01
CA SER A 256 12.04 10.11 -10.78
C SER A 256 10.80 9.33 -11.15
N LYS A 257 10.44 8.32 -10.35
CA LYS A 257 9.38 7.38 -10.70
C LYS A 257 8.26 7.43 -9.66
N PRO A 258 7.33 8.37 -9.77
CA PRO A 258 6.25 8.42 -8.78
C PRO A 258 5.38 7.18 -8.89
N PHE A 259 4.83 6.76 -7.75
CA PHE A 259 3.80 5.75 -7.75
C PHE A 259 2.47 6.41 -8.11
N VAL A 260 1.85 5.91 -9.16
CA VAL A 260 0.65 6.53 -9.72
C VAL A 260 -0.55 5.91 -9.04
N GLY A 261 -1.42 6.75 -8.52
CA GLY A 261 -2.63 6.34 -7.84
C GLY A 261 -3.84 6.65 -8.70
N VAL A 262 -4.80 5.75 -8.71
CA VAL A 262 -6.08 6.03 -9.34
C VAL A 262 -7.07 6.20 -8.20
N LEU A 263 -7.53 7.44 -7.97
CA LEU A 263 -8.62 7.67 -7.02
C LEU A 263 -9.80 6.82 -7.49
N SER A 264 -10.34 6.01 -6.58
CA SER A 264 -11.32 5.00 -6.95
C SER A 264 -12.42 4.98 -5.90
N ALA A 265 -13.61 4.52 -6.31
CA ALA A 265 -14.78 4.49 -5.44
C ALA A 265 -15.28 3.06 -5.36
N GLY A 266 -15.17 2.47 -4.17
CA GLY A 266 -15.65 1.13 -3.92
C GLY A 266 -16.98 1.16 -3.21
N ILE A 267 -17.75 0.10 -3.39
CA ILE A 267 -19.06 -0.06 -2.75
C ILE A 267 -18.93 -1.09 -1.63
N ASN A 268 -19.30 -0.68 -0.41
CA ASN A 268 -19.27 -1.55 0.75
C ASN A 268 -20.09 -2.81 0.50
N ALA A 269 -19.47 -3.98 0.68
CA ALA A 269 -20.20 -5.24 0.54
C ALA A 269 -21.43 -5.32 1.45
N ALA A 270 -21.44 -4.59 2.56
CA ALA A 270 -22.57 -4.61 3.49
C ALA A 270 -23.63 -3.55 3.18
N SER A 271 -23.43 -2.74 2.16
CA SER A 271 -24.39 -1.69 1.86
C SER A 271 -25.70 -2.30 1.39
N PRO A 272 -26.84 -1.89 1.94
CA PRO A 272 -28.13 -2.22 1.35
C PRO A 272 -28.50 -1.33 0.18
N ASN A 273 -27.59 -0.44 -0.23
CA ASN A 273 -27.85 0.55 -1.26
C ASN A 273 -26.96 0.37 -2.49
N LYS A 274 -26.62 -0.88 -2.83
CA LYS A 274 -25.64 -1.09 -3.90
C LYS A 274 -26.17 -0.57 -5.23
N GLU A 275 -27.47 -0.76 -5.49
CA GLU A 275 -28.02 -0.27 -6.75
C GLU A 275 -28.01 1.26 -6.82
N LEU A 276 -28.41 1.93 -5.73
CA LEU A 276 -28.33 3.39 -5.73
C LEU A 276 -26.89 3.88 -5.85
N ALA A 277 -25.95 3.18 -5.20
CA ALA A 277 -24.56 3.59 -5.29
C ALA A 277 -24.05 3.52 -6.72
N LYS A 278 -24.42 2.44 -7.44
CA LYS A 278 -24.05 2.33 -8.84
C LYS A 278 -24.65 3.45 -9.68
N GLU A 279 -25.92 3.78 -9.45
N GLU A 279 -25.91 3.79 -9.44
CA GLU A 279 -26.56 4.86 -10.21
CA GLU A 279 -26.55 4.85 -10.21
C GLU A 279 -25.85 6.17 -9.95
C GLU A 279 -25.87 6.19 -9.94
N PHE A 280 -25.56 6.46 -8.67
CA PHE A 280 -24.84 7.69 -8.33
C PHE A 280 -23.48 7.74 -9.02
N LEU A 281 -22.69 6.66 -8.92
CA LEU A 281 -21.32 6.70 -9.42
C LEU A 281 -21.29 6.76 -10.94
N GLU A 282 -22.07 5.91 -11.62
CA GLU A 282 -22.01 5.86 -13.08
C GLU A 282 -22.68 7.07 -13.72
N ASN A 283 -23.84 7.48 -13.20
CA ASN A 283 -24.71 8.38 -13.95
C ASN A 283 -24.78 9.78 -13.38
N TYR A 284 -24.13 10.01 -12.24
CA TYR A 284 -24.00 11.36 -11.69
C TYR A 284 -22.55 11.77 -11.51
N LEU A 285 -21.72 10.95 -10.86
CA LEU A 285 -20.35 11.39 -10.64
C LEU A 285 -19.52 11.27 -11.92
N LEU A 286 -19.56 10.09 -12.57
CA LEU A 286 -18.71 9.84 -13.74
C LEU A 286 -19.35 10.38 -15.02
N THR A 287 -19.64 11.68 -14.97
CA THR A 287 -20.12 12.46 -16.09
C THR A 287 -19.28 13.71 -16.17
N ASP A 288 -19.31 14.41 -17.31
CA ASP A 288 -18.56 15.66 -17.41
C ASP A 288 -18.97 16.62 -16.28
N GLU A 289 -20.28 16.75 -16.04
CA GLU A 289 -20.73 17.72 -15.05
C GLU A 289 -20.37 17.29 -13.63
N GLY A 290 -20.41 15.99 -13.37
CA GLY A 290 -20.11 15.52 -12.02
C GLY A 290 -18.63 15.68 -11.69
N LEU A 291 -17.77 15.24 -12.60
CA LEU A 291 -16.34 15.40 -12.37
C LEU A 291 -15.93 16.87 -12.35
N GLU A 292 -16.57 17.71 -13.16
CA GLU A 292 -16.27 19.14 -13.10
C GLU A 292 -16.59 19.72 -11.72
N ALA A 293 -17.71 19.30 -11.12
CA ALA A 293 -18.07 19.82 -9.81
C ALA A 293 -17.02 19.48 -8.76
N VAL A 294 -16.49 18.25 -8.80
CA VAL A 294 -15.43 17.89 -7.85
C VAL A 294 -14.14 18.63 -8.19
N ASN A 295 -13.80 18.66 -9.48
CA ASN A 295 -12.55 19.26 -9.95
C ASN A 295 -12.47 20.75 -9.62
N LYS A 296 -13.59 21.47 -9.67
CA LYS A 296 -13.59 22.90 -9.34
C LYS A 296 -13.34 23.15 -7.86
N ASP A 297 -13.53 22.12 -7.02
CA ASP A 297 -13.23 22.25 -5.59
C ASP A 297 -11.73 22.01 -5.38
N LYS A 298 -11.26 20.79 -5.64
CA LYS A 298 -9.83 20.47 -5.63
C LYS A 298 -9.56 19.69 -6.91
N PRO A 299 -8.55 20.06 -7.69
CA PRO A 299 -8.35 19.36 -8.96
C PRO A 299 -8.10 17.87 -8.74
N LEU A 300 -8.77 17.07 -9.57
CA LEU A 300 -8.67 15.62 -9.51
C LEU A 300 -7.42 15.06 -10.16
N GLY A 301 -6.82 15.79 -11.09
CA GLY A 301 -5.80 15.17 -11.92
C GLY A 301 -6.33 14.81 -13.30
N ALA A 302 -5.81 13.74 -13.89
CA ALA A 302 -6.26 13.24 -15.19
C ALA A 302 -7.43 12.28 -15.00
N VAL A 303 -8.63 12.74 -15.28
CA VAL A 303 -9.81 11.95 -14.94
C VAL A 303 -9.91 10.70 -15.80
N ALA A 304 -10.58 9.68 -15.25
CA ALA A 304 -10.75 8.42 -15.95
C ALA A 304 -11.75 8.54 -17.11
N LEU A 305 -12.64 9.52 -17.08
CA LEU A 305 -13.67 9.69 -18.09
C LEU A 305 -13.09 10.39 -19.31
N LYS A 306 -13.11 9.69 -20.46
CA LYS A 306 -12.42 10.19 -21.65
C LYS A 306 -12.95 11.55 -22.09
N SER A 307 -14.28 11.74 -22.10
CA SER A 307 -14.85 12.97 -22.64
C SER A 307 -14.36 14.19 -21.88
N TYR A 308 -14.22 14.08 -20.57
CA TYR A 308 -13.79 15.23 -19.77
C TYR A 308 -12.27 15.34 -19.78
N GLU A 309 -11.56 14.20 -19.79
CA GLU A 309 -10.10 14.25 -19.81
C GLU A 309 -9.59 14.89 -21.08
N GLU A 310 -10.32 14.74 -22.19
CA GLU A 310 -9.90 15.40 -23.42
C GLU A 310 -9.85 16.91 -23.25
N GLU A 311 -10.71 17.48 -22.42
CA GLU A 311 -10.60 18.90 -22.11
C GLU A 311 -9.45 19.17 -21.14
N LEU A 312 -9.36 18.38 -20.07
CA LEU A 312 -8.36 18.67 -19.05
C LEU A 312 -6.94 18.51 -19.58
N ALA A 313 -6.73 17.58 -20.53
CA ALA A 313 -5.40 17.34 -21.04
C ALA A 313 -4.79 18.56 -21.74
N LYS A 314 -5.62 19.56 -22.09
CA LYS A 314 -5.10 20.78 -22.68
C LYS A 314 -4.43 21.69 -21.64
N ASP A 315 -4.58 21.39 -20.37
CA ASP A 315 -3.97 22.17 -19.31
C ASP A 315 -2.54 21.69 -19.14
N PRO A 316 -1.53 22.56 -19.27
CA PRO A 316 -0.15 22.08 -19.12
C PRO A 316 0.15 21.43 -17.78
N ARG A 317 -0.59 21.79 -16.73
CA ARG A 317 -0.39 21.12 -15.45
C ARG A 317 -0.80 19.65 -15.52
N ILE A 318 -1.89 19.36 -16.25
CA ILE A 318 -2.32 17.98 -16.46
C ILE A 318 -1.34 17.23 -17.36
N ALA A 319 -0.82 17.91 -18.39
CA ALA A 319 0.19 17.27 -19.23
C ALA A 319 1.42 16.88 -18.42
N ALA A 320 1.84 17.77 -17.51
CA ALA A 320 2.97 17.47 -16.64
C ALA A 320 2.65 16.31 -15.71
N THR A 321 1.44 16.31 -15.16
CA THR A 321 1.01 15.21 -14.29
C THR A 321 1.16 13.87 -15.02
N MET A 322 0.69 13.83 -16.26
CA MET A 322 0.74 12.57 -17.01
C MET A 322 2.15 12.26 -17.51
N GLU A 323 2.98 13.29 -17.75
CA GLU A 323 4.38 13.01 -18.06
C GLU A 323 5.08 12.30 -16.91
N ASN A 324 4.89 12.82 -15.69
CA ASN A 324 5.43 12.16 -14.50
C ASN A 324 4.80 10.78 -14.30
N ALA A 325 3.49 10.65 -14.51
CA ALA A 325 2.85 9.36 -14.36
C ALA A 325 3.49 8.32 -15.27
N GLN A 326 3.66 8.67 -16.55
CA GLN A 326 4.20 7.73 -17.53
C GLN A 326 5.62 7.30 -17.19
N LYS A 327 6.38 8.18 -16.53
CA LYS A 327 7.72 7.80 -16.08
CA LYS A 327 7.72 7.81 -16.08
C LYS A 327 7.71 6.98 -14.81
N GLY A 328 6.60 7.00 -14.05
CA GLY A 328 6.47 6.25 -12.81
C GLY A 328 5.89 4.88 -13.07
N GLU A 329 5.20 4.33 -12.07
CA GLU A 329 4.55 3.03 -12.20
C GLU A 329 3.20 3.09 -11.51
N ILE A 330 2.24 2.35 -12.06
CA ILE A 330 0.95 2.20 -11.42
C ILE A 330 1.15 1.43 -10.12
N MET A 331 0.54 1.90 -9.03
CA MET A 331 0.66 1.16 -7.80
C MET A 331 0.03 -0.22 -7.95
N PRO A 332 0.64 -1.27 -7.41
CA PRO A 332 -0.09 -2.52 -7.22
C PRO A 332 -1.32 -2.26 -6.36
N ASN A 333 -2.38 -3.04 -6.60
CA ASN A 333 -3.54 -3.01 -5.71
C ASN A 333 -3.54 -4.19 -4.73
N ILE A 334 -2.47 -4.98 -4.70
CA ILE A 334 -2.47 -6.24 -3.98
C ILE A 334 -2.52 -6.01 -2.47
N PRO A 335 -3.01 -6.97 -1.69
CA PRO A 335 -3.12 -6.77 -0.24
C PRO A 335 -1.80 -6.40 0.43
N GLN A 336 -0.67 -6.84 -0.13
CA GLN A 336 0.63 -6.57 0.48
C GLN A 336 1.04 -5.10 0.39
N MET A 337 0.30 -4.27 -0.34
CA MET A 337 0.73 -2.88 -0.51
C MET A 337 0.75 -2.11 0.80
N SER A 338 -0.22 -2.34 1.68
CA SER A 338 -0.25 -1.54 2.89
C SER A 338 0.96 -1.81 3.77
N ALA A 339 1.33 -3.07 3.92
CA ALA A 339 2.53 -3.41 4.69
C ALA A 339 3.78 -2.79 4.06
N PHE A 340 3.84 -2.78 2.72
CA PHE A 340 4.93 -2.10 2.03
C PHE A 340 5.00 -0.64 2.43
N TRP A 341 3.86 0.07 2.40
CA TRP A 341 3.89 1.49 2.69
C TRP A 341 4.25 1.75 4.15
N TYR A 342 3.67 0.98 5.09
CA TYR A 342 4.02 1.20 6.49
C TYR A 342 5.51 0.97 6.72
N ALA A 343 6.07 -0.03 6.04
CA ALA A 343 7.50 -0.34 6.21
C ALA A 343 8.37 0.78 5.66
N VAL A 344 8.05 1.26 4.45
CA VAL A 344 8.85 2.33 3.86
C VAL A 344 8.69 3.63 4.65
N ARG A 345 7.49 3.90 5.17
CA ARG A 345 7.29 5.10 5.99
CA ARG A 345 7.31 5.10 5.97
C ARG A 345 8.30 5.15 7.14
N THR A 346 8.41 4.04 7.87
CA THR A 346 9.34 3.95 8.99
C THR A 346 10.78 4.11 8.52
N ALA A 347 11.14 3.47 7.39
CA ALA A 347 12.51 3.57 6.92
C ALA A 347 12.89 5.00 6.59
N VAL A 348 12.03 5.73 5.88
CA VAL A 348 12.38 7.10 5.51
C VAL A 348 12.47 7.99 6.75
N ILE A 349 11.51 7.88 7.67
CA ILE A 349 11.57 8.72 8.86
C ILE A 349 12.81 8.43 9.69
N ASN A 350 13.15 7.14 9.85
CA ASN A 350 14.28 6.78 10.69
C ASN A 350 15.60 7.15 10.06
N ALA A 351 15.71 7.01 8.73
CA ALA A 351 16.94 7.43 8.05
C ALA A 351 17.07 8.95 8.04
N ALA A 352 15.96 9.65 7.75
CA ALA A 352 16.01 11.12 7.68
C ALA A 352 16.38 11.72 9.03
N SER A 353 15.92 11.12 10.12
CA SER A 353 16.22 11.66 11.45
C SER A 353 17.56 11.19 12.00
N GLY A 354 18.25 10.27 11.32
CA GLY A 354 19.48 9.68 11.81
C GLY A 354 19.31 8.59 12.86
N ARG A 355 18.09 8.19 13.17
CA ARG A 355 17.89 7.08 14.11
C ARG A 355 18.52 5.80 13.57
N GLN A 356 18.47 5.60 12.26
CA GLN A 356 19.11 4.46 11.63
C GLN A 356 19.90 4.94 10.43
N THR A 357 20.93 4.18 10.06
CA THR A 357 21.54 4.39 8.76
C THR A 357 20.55 4.05 7.65
N VAL A 358 20.82 4.58 6.44
CA VAL A 358 20.03 4.21 5.27
C VAL A 358 20.01 2.70 5.10
N ASP A 359 21.17 2.05 5.23
CA ASP A 359 21.24 0.61 5.00
C ASP A 359 20.39 -0.16 6.01
N ALA A 360 20.50 0.19 7.29
CA ALA A 360 19.73 -0.51 8.32
C ALA A 360 18.24 -0.23 8.17
N ALA A 361 17.88 1.04 7.88
CA ALA A 361 16.49 1.39 7.73
C ALA A 361 15.83 0.60 6.60
N LEU A 362 16.49 0.55 5.43
CA LEU A 362 15.90 -0.17 4.31
C LEU A 362 15.96 -1.68 4.47
N ALA A 363 17.01 -2.20 5.14
CA ALA A 363 17.04 -3.63 5.41
C ALA A 363 15.86 -4.06 6.26
N ALA A 364 15.53 -3.27 7.27
CA ALA A 364 14.38 -3.56 8.11
C ALA A 364 13.06 -3.42 7.34
N ALA A 365 12.96 -2.39 6.48
CA ALA A 365 11.74 -2.21 5.70
C ALA A 365 11.52 -3.34 4.73
N GLN A 366 12.60 -3.82 4.09
CA GLN A 366 12.46 -4.95 3.18
C GLN A 366 11.86 -6.15 3.91
N THR A 367 12.36 -6.42 5.11
CA THR A 367 11.85 -7.53 5.91
C THR A 367 10.40 -7.30 6.33
N ASN A 368 10.11 -6.10 6.84
CA ASN A 368 8.75 -5.78 7.28
C ASN A 368 7.76 -5.85 6.13
N ALA A 369 8.14 -5.32 4.96
CA ALA A 369 7.23 -5.38 3.81
C ALA A 369 6.91 -6.82 3.44
N ALA A 370 7.81 -7.75 3.71
CA ALA A 370 7.68 -9.15 3.32
C ALA A 370 7.23 -10.05 4.48
N ALA A 371 6.86 -9.48 5.63
CA ALA A 371 6.80 -10.28 6.86
C ALA A 371 5.75 -11.39 6.79
N GLU A 372 4.56 -11.09 6.28
CA GLU A 372 3.52 -12.13 6.19
C GLU A 372 3.91 -13.21 5.20
N ASP A 373 4.52 -12.83 4.09
CA ASP A 373 4.98 -13.80 3.11
C ASP A 373 6.07 -14.69 3.69
N ILE A 374 7.00 -14.09 4.44
CA ILE A 374 8.02 -14.89 5.10
C ILE A 374 7.39 -15.88 6.04
N LEU A 375 6.40 -15.45 6.82
CA LEU A 375 5.76 -16.36 7.75
C LEU A 375 5.04 -17.48 7.02
N ASP A 376 4.37 -17.15 5.91
CA ASP A 376 3.72 -18.19 5.12
C ASP A 376 4.72 -19.25 4.69
N GLU A 377 5.93 -18.84 4.34
CA GLU A 377 6.95 -19.81 3.95
C GLU A 377 7.45 -20.61 5.15
N LEU A 378 7.73 -19.93 6.27
CA LEU A 378 8.21 -20.62 7.46
C LEU A 378 7.27 -21.74 7.87
N LEU A 379 5.96 -21.47 7.83
CA LEU A 379 4.95 -22.42 8.28
C LEU A 379 4.46 -23.30 7.15
N GLY A 380 5.10 -23.20 5.99
CA GLY A 380 4.59 -23.84 4.80
C GLY A 380 4.61 -25.35 4.87
N ASN A 381 3.94 -25.93 3.88
CA ASN A 381 3.88 -27.39 3.70
C ASN A 381 4.85 -27.72 2.58
N MET A 382 6.08 -28.08 2.95
CA MET A 382 7.13 -28.33 1.98
C MET A 382 7.90 -29.61 2.33
N VAL A 383 8.62 -30.11 1.34
CA VAL A 383 9.56 -31.21 1.54
C VAL A 383 10.99 -30.69 1.41
N GLU B 9 16.00 -26.33 -7.06
CA GLU B 9 15.61 -25.50 -5.93
C GLU B 9 16.43 -25.88 -4.69
N ARG B 10 16.36 -25.03 -3.68
CA ARG B 10 17.17 -25.08 -2.47
C ARG B 10 16.50 -25.93 -1.39
N PRO B 11 17.29 -26.47 -0.45
CA PRO B 11 16.69 -27.27 0.64
C PRO B 11 15.72 -26.47 1.47
N ARG B 12 14.52 -27.00 1.65
CA ARG B 12 13.51 -26.33 2.47
C ARG B 12 13.43 -26.88 3.88
N LYS B 13 14.05 -28.02 4.17
CA LYS B 13 14.02 -28.58 5.51
C LYS B 13 15.43 -28.66 6.07
N LEU B 14 15.52 -28.47 7.39
CA LEU B 14 16.81 -28.48 8.07
C LEU B 14 17.68 -29.70 7.76
N PRO B 15 17.18 -30.94 7.75
CA PRO B 15 18.10 -32.06 7.47
C PRO B 15 18.77 -31.96 6.12
N GLN B 16 18.02 -31.62 5.07
CA GLN B 16 18.61 -31.49 3.75
C GLN B 16 19.57 -30.32 3.70
N LEU B 17 19.25 -29.22 4.38
CA LEU B 17 20.22 -28.14 4.48
C LEU B 17 21.49 -28.62 5.16
N CYS B 18 21.35 -29.37 6.25
CA CYS B 18 22.52 -29.92 6.94
C CYS B 18 23.33 -30.84 6.03
N THR B 19 22.65 -31.70 5.24
CA THR B 19 23.37 -32.59 4.34
C THR B 19 24.14 -31.80 3.29
N GLU B 20 23.51 -30.76 2.73
CA GLU B 20 24.18 -29.98 1.69
C GLU B 20 25.39 -29.26 2.23
N LEU B 21 25.30 -28.76 3.47
CA LEU B 21 26.39 -28.08 4.13
C LEU B 21 27.34 -29.04 4.82
N GLN B 22 27.12 -30.35 4.70
CA GLN B 22 27.97 -31.35 5.34
C GLN B 22 28.19 -31.03 6.82
N THR B 23 27.10 -30.69 7.49
CA THR B 23 27.15 -30.42 8.92
C THR B 23 26.01 -31.21 9.56
N THR B 24 25.76 -31.01 10.85
CA THR B 24 24.64 -31.65 11.51
C THR B 24 23.83 -30.61 12.26
N ILE B 25 22.65 -31.02 12.70
CA ILE B 25 21.79 -30.11 13.45
C ILE B 25 22.46 -29.66 14.74
N HIS B 26 23.40 -30.47 15.26
CA HIS B 26 24.07 -30.10 16.51
C HIS B 26 25.05 -28.97 16.29
N ASP B 27 25.60 -28.85 15.07
CA ASP B 27 26.67 -27.93 14.76
C ASP B 27 26.22 -26.70 13.98
N ILE B 28 25.11 -26.78 13.24
CA ILE B 28 24.80 -25.74 12.27
C ILE B 28 24.51 -24.43 12.98
N ILE B 29 25.01 -23.33 12.40
CA ILE B 29 24.74 -21.99 12.90
C ILE B 29 23.73 -21.35 11.97
N LEU B 30 22.55 -20.99 12.49
CA LEU B 30 21.48 -20.38 11.72
C LEU B 30 21.13 -19.02 12.32
N GLU B 31 20.70 -18.11 11.46
CA GLU B 31 20.20 -16.81 11.88
C GLU B 31 18.70 -16.72 11.60
N CYS B 32 18.03 -15.87 12.38
CA CYS B 32 16.60 -15.63 12.20
C CYS B 32 16.35 -14.77 10.96
N VAL B 33 15.37 -15.18 10.14
CA VAL B 33 15.07 -14.46 8.90
C VAL B 33 14.64 -13.02 9.19
N TYR B 34 14.03 -12.78 10.34
CA TYR B 34 13.51 -11.44 10.64
C TYR B 34 14.57 -10.56 11.29
N CYS B 35 15.11 -11.00 12.42
CA CYS B 35 15.98 -10.13 13.22
C CYS B 35 17.46 -10.37 12.95
N LYS B 36 17.82 -11.43 12.24
CA LYS B 36 19.18 -11.79 11.86
C LYS B 36 20.03 -12.18 13.05
N GLN B 37 19.45 -12.38 14.22
CA GLN B 37 20.20 -12.90 15.35
C GLN B 37 20.41 -14.41 15.22
N GLN B 38 21.52 -14.87 15.77
CA GLN B 38 21.81 -16.29 15.77
C GLN B 38 20.79 -17.05 16.61
N LEU B 39 20.29 -18.16 16.09
CA LEU B 39 19.39 -19.00 16.87
C LEU B 39 20.17 -19.68 18.00
N LEU B 40 19.54 -19.75 19.17
CA LEU B 40 20.07 -20.60 20.23
C LEU B 40 19.98 -22.06 19.78
N ARG B 41 20.82 -22.90 20.37
CA ARG B 41 20.78 -24.31 19.97
C ARG B 41 19.38 -24.89 20.19
N ARG B 42 18.74 -24.53 21.31
N ARG B 42 18.76 -24.52 21.31
CA ARG B 42 17.39 -24.98 21.57
CA ARG B 42 17.39 -24.95 21.61
C ARG B 42 16.43 -24.56 20.46
C ARG B 42 16.42 -24.54 20.51
N GLU B 43 16.62 -23.35 19.93
CA GLU B 43 15.75 -22.90 18.84
C GLU B 43 16.00 -23.67 17.55
N VAL B 44 17.23 -24.10 17.31
CA VAL B 44 17.50 -24.96 16.15
C VAL B 44 16.75 -26.27 16.28
N TYR B 45 16.87 -26.92 17.45
CA TYR B 45 16.16 -28.18 17.64
C TYR B 45 14.66 -27.99 17.52
N ASP B 46 14.14 -26.91 18.11
CA ASP B 46 12.70 -26.66 18.04
C ASP B 46 12.24 -26.39 16.62
N PHE B 47 13.07 -25.74 15.81
CA PHE B 47 12.73 -25.47 14.42
C PHE B 47 12.51 -26.78 13.69
N ALA B 48 13.40 -27.75 13.92
CA ALA B 48 13.30 -29.04 13.27
C ALA B 48 12.09 -29.81 13.78
N ARG B 49 11.87 -29.81 15.10
CA ARG B 49 10.76 -30.57 15.67
C ARG B 49 9.43 -30.00 15.24
N ARG B 50 9.34 -28.68 15.07
CA ARG B 50 8.11 -28.06 14.61
C ARG B 50 7.95 -28.15 13.09
N ASP B 51 8.89 -28.78 12.38
CA ASP B 51 8.76 -29.00 10.94
C ASP B 51 8.61 -27.67 10.20
N LEU B 52 9.36 -26.67 10.63
CA LEU B 52 9.35 -25.39 9.94
C LEU B 52 10.21 -25.47 8.68
N CYS B 53 10.07 -24.47 7.82
CA CYS B 53 10.72 -24.44 6.52
C CYS B 53 11.81 -23.38 6.51
N ILE B 54 13.00 -23.79 6.06
CA ILE B 54 14.07 -22.84 5.80
C ILE B 54 13.60 -21.83 4.77
N VAL B 55 13.93 -20.56 4.97
CA VAL B 55 13.57 -19.50 4.04
C VAL B 55 14.83 -18.84 3.52
N TYR B 56 14.81 -18.45 2.25
CA TYR B 56 15.97 -17.86 1.61
C TYR B 56 15.73 -16.37 1.39
N ARG B 57 16.68 -15.55 1.86
CA ARG B 57 16.72 -14.13 1.55
C ARG B 57 18.06 -13.82 0.90
N ASP B 58 18.03 -13.16 -0.26
CA ASP B 58 19.25 -12.82 -0.98
C ASP B 58 20.11 -14.06 -1.22
N GLY B 59 19.46 -15.20 -1.44
CA GLY B 59 20.15 -16.43 -1.71
C GLY B 59 20.77 -17.12 -0.52
N ASN B 60 20.53 -16.63 0.70
CA ASN B 60 21.10 -17.22 1.91
C ASN B 60 20.01 -17.86 2.75
N PRO B 61 20.28 -19.01 3.36
CA PRO B 61 19.26 -19.69 4.17
C PRO B 61 19.12 -19.07 5.55
N TYR B 62 17.88 -19.02 6.03
CA TYR B 62 17.58 -18.51 7.36
C TYR B 62 16.51 -19.38 8.02
N ALA B 63 16.54 -19.40 9.36
CA ALA B 63 15.50 -20.02 10.14
C ALA B 63 14.68 -18.91 10.79
N VAL B 64 14.19 -19.14 12.00
CA VAL B 64 13.46 -18.09 12.74
C VAL B 64 13.70 -18.34 14.22
N CYS B 65 13.84 -17.25 14.98
CA CYS B 65 13.96 -17.36 16.42
C CYS B 65 12.56 -17.40 17.06
N ASP B 66 12.52 -17.80 18.33
CA ASP B 66 11.22 -17.96 18.97
C ASP B 66 10.52 -16.62 19.17
N LYS B 67 11.26 -15.58 19.54
CA LYS B 67 10.65 -14.26 19.76
C LYS B 67 9.97 -13.75 18.50
N CYS B 68 10.66 -13.83 17.36
CA CYS B 68 10.06 -13.35 16.12
C CYS B 68 8.94 -14.25 15.64
N LEU B 69 9.10 -15.58 15.78
CA LEU B 69 8.02 -16.47 15.38
C LEU B 69 6.74 -16.15 16.15
N LYS B 70 6.86 -15.97 17.46
CA LYS B 70 5.67 -15.64 18.25
C LYS B 70 5.12 -14.27 17.90
N PHE B 71 5.99 -13.29 17.69
CA PHE B 71 5.57 -11.93 17.39
C PHE B 71 4.78 -11.86 16.09
N TYR B 72 5.35 -12.39 15.00
CA TYR B 72 4.65 -12.33 13.72
C TYR B 72 3.48 -13.28 13.65
N SER B 73 3.53 -14.42 14.34
CA SER B 73 2.37 -15.31 14.39
C SER B 73 1.20 -14.64 15.10
N LYS B 74 1.47 -13.94 16.21
CA LYS B 74 0.39 -13.27 16.92
C LYS B 74 -0.22 -12.18 16.07
N ILE B 75 0.62 -11.37 15.42
CA ILE B 75 0.13 -10.37 14.48
C ILE B 75 -0.76 -11.01 13.42
N SER B 76 -0.25 -12.07 12.79
CA SER B 76 -0.98 -12.71 11.71
C SER B 76 -2.33 -13.21 12.19
N GLU B 77 -2.39 -13.81 13.38
CA GLU B 77 -3.66 -14.28 13.92
C GLU B 77 -4.61 -13.12 14.21
N TYR B 78 -4.08 -12.04 14.79
CA TYR B 78 -4.93 -10.92 15.18
C TYR B 78 -5.48 -10.17 13.98
N ARG B 79 -4.74 -10.15 12.87
CA ARG B 79 -5.15 -9.40 11.68
C ARG B 79 -5.81 -10.26 10.62
N HIS B 80 -5.52 -11.56 10.56
CA HIS B 80 -5.90 -12.37 9.41
C HIS B 80 -6.72 -13.60 9.77
N TYR B 81 -7.28 -13.65 10.98
CA TYR B 81 -8.23 -14.72 11.31
C TYR B 81 -9.46 -14.58 10.42
N SER B 82 -9.96 -15.73 9.94
CA SER B 82 -11.06 -15.74 8.97
C SER B 82 -12.28 -16.47 9.50
N TYR B 83 -12.20 -17.79 9.73
CA TYR B 83 -13.36 -18.58 10.11
C TYR B 83 -12.88 -19.93 10.63
N SER B 84 -13.82 -20.74 11.11
CA SER B 84 -13.51 -22.03 11.73
C SER B 84 -14.43 -23.12 11.18
N LEU B 85 -13.92 -24.35 11.18
CA LEU B 85 -14.68 -25.52 10.70
C LEU B 85 -14.43 -26.72 11.59
N TYR B 86 -15.42 -27.60 11.65
CA TYR B 86 -15.23 -28.89 12.29
C TYR B 86 -14.38 -29.79 11.40
N GLY B 87 -13.67 -30.73 12.04
CA GLY B 87 -12.71 -31.56 11.33
C GLY B 87 -13.32 -32.32 10.17
N THR B 88 -14.55 -32.81 10.33
CA THR B 88 -15.19 -33.56 9.26
C THR B 88 -15.40 -32.70 8.01
N THR B 89 -15.70 -31.41 8.21
CA THR B 89 -15.87 -30.52 7.07
C THR B 89 -14.55 -30.28 6.35
N LEU B 90 -13.45 -30.12 7.11
CA LEU B 90 -12.13 -30.10 6.48
C LEU B 90 -11.90 -31.34 5.65
N GLU B 91 -12.25 -32.51 6.19
CA GLU B 91 -12.05 -33.76 5.46
C GLU B 91 -12.88 -33.79 4.18
N GLN B 92 -14.08 -33.21 4.20
CA GLN B 92 -14.88 -33.14 2.98
C GLN B 92 -14.32 -32.11 2.02
N GLN B 93 -13.89 -30.96 2.55
CA GLN B 93 -13.37 -29.90 1.68
C GLN B 93 -12.14 -30.37 0.92
N TYR B 94 -11.22 -31.04 1.63
CA TYR B 94 -9.97 -31.48 1.02
C TYR B 94 -10.00 -32.91 0.51
N ASN B 95 -11.08 -33.67 0.77
CA ASN B 95 -11.20 -35.06 0.31
C ASN B 95 -10.05 -35.92 0.83
N LYS B 96 -9.60 -35.64 2.06
CA LYS B 96 -8.52 -36.38 2.70
C LYS B 96 -8.83 -36.50 4.19
N PRO B 97 -8.36 -37.56 4.84
CA PRO B 97 -8.47 -37.63 6.30
C PRO B 97 -7.57 -36.58 6.93
N LEU B 98 -7.92 -36.18 8.16
CA LEU B 98 -7.13 -35.17 8.86
C LEU B 98 -5.67 -35.58 8.99
N SER B 99 -5.41 -36.89 9.13
N SER B 99 -5.41 -36.88 9.14
CA SER B 99 -4.04 -37.37 9.29
CA SER B 99 -4.05 -37.36 9.28
C SER B 99 -3.17 -37.04 8.08
C SER B 99 -3.18 -36.96 8.10
N ASP B 100 -3.78 -36.79 6.92
CA ASP B 100 -3.05 -36.42 5.72
C ASP B 100 -2.94 -34.92 5.51
N LEU B 101 -3.59 -34.12 6.36
CA LEU B 101 -3.53 -32.67 6.26
C LEU B 101 -2.53 -32.13 7.26
N LEU B 102 -1.77 -31.11 6.87
CA LEU B 102 -0.89 -30.42 7.79
C LEU B 102 -1.71 -29.40 8.57
N ILE B 103 -1.85 -29.62 9.87
CA ILE B 103 -2.60 -28.74 10.75
C ILE B 103 -1.68 -28.46 11.93
N ARG B 104 -1.28 -27.21 12.07
CA ARG B 104 -0.34 -26.86 13.11
C ARG B 104 -1.08 -26.38 14.35
N CYS B 105 -0.46 -26.57 15.51
CA CYS B 105 -0.98 -25.97 16.72
C CYS B 105 -0.84 -24.46 16.62
N ILE B 106 -1.91 -23.74 16.98
CA ILE B 106 -1.90 -22.29 16.85
C ILE B 106 -0.93 -21.65 17.83
N ASN B 107 -0.64 -22.32 18.95
CA ASN B 107 0.22 -21.76 19.97
C ASN B 107 1.70 -22.10 19.73
N CYS B 108 2.01 -23.37 19.45
CA CYS B 108 3.40 -23.80 19.37
C CYS B 108 3.87 -24.13 17.96
N GLN B 109 3.00 -24.06 16.95
CA GLN B 109 3.32 -24.26 15.54
C GLN B 109 3.67 -25.70 15.18
N LYS B 110 3.76 -26.59 16.15
CA LYS B 110 4.04 -27.98 15.86
C LYS B 110 2.89 -28.56 15.03
N PRO B 111 3.18 -29.39 14.03
CA PRO B 111 2.10 -30.11 13.36
C PRO B 111 1.40 -31.02 14.34
N LEU B 112 0.07 -31.01 14.30
CA LEU B 112 -0.70 -31.86 15.20
C LEU B 112 -0.50 -33.32 14.83
N SER B 113 -0.42 -34.18 15.85
CA SER B 113 -0.36 -35.61 15.63
C SER B 113 -1.74 -36.13 15.23
N PRO B 114 -1.81 -37.36 14.68
CA PRO B 114 -3.13 -37.93 14.37
C PRO B 114 -4.03 -38.04 15.58
N GLU B 115 -3.46 -38.39 16.75
CA GLU B 115 -4.25 -38.49 17.97
C GLU B 115 -4.81 -37.13 18.38
N GLU B 116 -4.03 -36.07 18.22
CA GLU B 116 -4.51 -34.73 18.54
C GLU B 116 -5.62 -34.31 17.57
N LYS B 117 -5.48 -34.66 16.30
CA LYS B 117 -6.54 -34.38 15.33
C LYS B 117 -7.79 -35.18 15.64
N GLN B 118 -7.63 -36.46 15.99
CA GLN B 118 -8.82 -37.24 16.36
C GLN B 118 -9.45 -36.69 17.64
N ARG B 119 -8.64 -36.14 18.55
CA ARG B 119 -9.19 -35.53 19.76
C ARG B 119 -10.06 -34.33 19.42
N HIS B 120 -9.65 -33.54 18.43
CA HIS B 120 -10.51 -32.47 17.94
C HIS B 120 -11.85 -33.01 17.46
N LEU B 121 -11.81 -34.10 16.69
CA LEU B 121 -13.04 -34.67 16.14
C LEU B 121 -13.95 -35.16 17.26
N ASP B 122 -13.37 -35.87 18.23
CA ASP B 122 -14.19 -36.47 19.28
C ASP B 122 -14.79 -35.41 20.21
N LYS B 123 -14.04 -34.36 20.52
CA LYS B 123 -14.48 -33.35 21.48
C LYS B 123 -15.15 -32.15 20.83
N LYS B 124 -15.48 -32.22 19.53
CA LYS B 124 -16.22 -31.17 18.83
C LYS B 124 -15.50 -29.82 18.92
N GLN B 125 -14.19 -29.83 18.76
CA GLN B 125 -13.39 -28.61 18.76
C GLN B 125 -13.07 -28.25 17.32
N ARG B 126 -13.40 -27.01 16.93
CA ARG B 126 -13.19 -26.60 15.55
C ARG B 126 -11.73 -26.24 15.30
N PHE B 127 -11.36 -26.27 14.03
CA PHE B 127 -10.07 -25.80 13.56
C PHE B 127 -10.25 -24.40 13.01
N HIS B 128 -9.20 -23.59 13.09
CA HIS B 128 -9.30 -22.19 12.69
C HIS B 128 -8.42 -21.92 11.49
N ASN B 129 -8.93 -21.12 10.56
CA ASN B 129 -8.23 -20.75 9.34
C ASN B 129 -7.64 -19.35 9.53
N ILE B 130 -6.31 -19.26 9.42
CA ILE B 130 -5.59 -17.99 9.44
C ILE B 130 -4.77 -17.94 8.16
N ARG B 131 -5.18 -17.10 7.20
CA ARG B 131 -4.43 -16.91 5.95
C ARG B 131 -4.30 -18.21 5.17
N GLY B 132 -5.37 -18.99 5.13
CA GLY B 132 -5.32 -20.26 4.46
C GLY B 132 -4.64 -21.37 5.22
N ARG B 133 -4.07 -21.08 6.38
CA ARG B 133 -3.46 -22.10 7.21
C ARG B 133 -4.49 -22.59 8.21
N TRP B 134 -4.71 -23.90 8.26
CA TRP B 134 -5.60 -24.49 9.24
C TRP B 134 -4.84 -24.83 10.52
N THR B 135 -5.44 -24.49 11.66
CA THR B 135 -4.76 -24.63 12.94
C THR B 135 -5.69 -25.27 13.95
N GLY B 136 -5.08 -25.97 14.90
CA GLY B 136 -5.74 -26.49 16.08
C GLY B 136 -4.93 -26.14 17.31
N ARG B 137 -5.03 -26.99 18.33
CA ARG B 137 -4.19 -26.88 19.51
C ARG B 137 -3.71 -28.26 19.93
N CYS B 138 -2.40 -28.41 20.11
CA CYS B 138 -1.86 -29.65 20.62
C CYS B 138 -2.26 -29.84 22.08
N MET B 139 -1.85 -30.97 22.66
CA MET B 139 -2.17 -31.24 24.05
C MET B 139 -1.46 -30.29 24.99
N SER B 140 -0.15 -30.10 24.79
CA SER B 140 0.64 -29.26 25.68
C SER B 140 0.02 -27.87 25.84
N CYS B 141 -0.36 -27.25 24.72
CA CYS B 141 -1.01 -25.94 24.74
C CYS B 141 -2.50 -26.14 25.04
N SER B 142 -2.76 -26.58 26.27
CA SER B 142 -4.08 -27.01 26.75
C SER B 142 -5.28 -26.20 26.24
C1 GLC C . -2.81 11.94 -1.48
C2 GLC C . -2.87 10.89 -2.61
C3 GLC C . -2.68 9.52 -2.03
C4 GLC C . -1.42 9.36 -1.23
C5 GLC C . -1.38 10.44 -0.14
C6 GLC C . -0.05 10.48 0.56
O1 GLC C . -3.88 11.75 -0.65
O2 GLC C . -4.15 11.00 -3.22
O3 GLC C . -2.66 8.55 -3.13
O4 GLC C . -1.46 8.05 -0.57
O5 GLC C . -1.56 11.78 -0.75
O6 GLC C . -0.17 11.15 1.83
C1 GLC C . -0.63 7.05 -1.17
C2 GLC C . -1.32 5.72 -1.13
C3 GLC C . -1.65 5.38 0.28
C4 GLC C . -0.41 5.27 1.11
C5 GLC C . 0.41 6.58 1.09
C6 GLC C . 1.76 6.40 1.60
O2 GLC C . -2.53 5.87 -1.93
O3 GLC C . -2.49 4.17 0.40
O4 GLC C . -0.83 5.09 2.50
O5 GLC C . 0.58 6.95 -0.39
O6 GLC C . 2.41 7.67 1.80
C1 GLC C . -0.45 3.87 3.09
C2 GLC C . -1.58 3.34 3.90
C3 GLC C . -1.97 4.28 4.99
C4 GLC C . -0.83 4.64 5.89
C5 GLC C . 0.40 5.15 5.09
C6 GLC C . 1.56 5.23 5.91
O2 GLC C . -2.71 3.07 2.98
O3 GLC C . -3.01 3.63 5.81
O4 GLC C . -1.14 5.78 6.76
O5 GLC C . 0.67 4.13 3.98
O6 GLC C . 2.57 5.89 5.19
C1 GLC C . -1.76 5.47 7.98
C2 GLC C . -2.48 6.60 8.56
C3 GLC C . -1.63 7.69 9.11
C4 GLC C . -0.58 7.16 10.03
C5 GLC C . 0.27 6.17 9.26
C6 GLC C . 1.32 5.61 10.06
O2 GLC C . -3.37 7.21 7.55
O3 GLC C . -2.50 8.64 9.77
O4 GLC C . 0.30 8.24 10.54
O5 GLC C . -0.69 5.01 8.89
O6 GLC C . 0.76 5.09 11.24
C1 GLC C . -0.14 8.80 11.79
C2 GLC C . 0.67 10.01 12.07
C3 GLC C . 2.05 9.70 12.45
C4 GLC C . 2.13 8.78 13.61
C5 GLC C . 1.37 7.45 13.31
C6 GLC C . 1.34 6.62 14.46
O2 GLC C . 0.70 10.84 10.85
O3 GLC C . 2.75 10.96 12.79
O4 GLC C . 3.51 8.48 13.90
O5 GLC C . -0.07 7.82 12.90
O6 GLC C . 0.02 6.45 14.91
ZN ZN D . 1.04 -26.54 20.97
ZN ZN E . 14.28 -13.19 15.31
#